data_5NEG
#
_entry.id   5NEG
#
_cell.length_a   34.810
_cell.length_b   44.360
_cell.length_c   72.470
_cell.angle_alpha   90.00
_cell.angle_beta   96.56
_cell.angle_gamma   90.00
#
_symmetry.space_group_name_H-M   'P 1 2 1'
#
loop_
_entity.id
_entity.type
_entity.pdbx_description
1 polymer 'Protein enabled homolog'
2 non-polymer "ethyl (3~{S},7~{R},10~{R},11~{R},13~{S})-4-[(3~{S},6~{R},8~{a}~{S})-1'-[(2~{S})-2-acetamido-3-(2-chlorophenyl)propanoyl]-5-oxidanylidene-spiro[1,2,3,8~{a}-tetrahydroindolizine-6,2'-pyrrolidine]-3-yl]carbonyl-11-ethyl-2-oxidanylidene-1,4-diazatricyclo[8.3.0.0^{3,7}]tridec-8-ene-13-carboxylate"
3 non-polymer 'NITRATE ION'
4 non-polymer 'SULFATE ION'
5 water water
#
_entity_poly.entity_id   1
_entity_poly.type   'polypeptide(L)'
_entity_poly.pdbx_seq_one_letter_code
;GSMSEQSICQARAAVMVYDDANKKWVPAGGSTGFSRVHIYHHTGNNTFRVVGRKIQDHQVVINCAIPKGLKYNQATQTFH
QWRDARQVYGLNFGSKEDANVFASAMMHALEVL
;
_entity_poly.pdbx_strand_id   A,B
#
# COMPACT_ATOMS: atom_id res chain seq x y z
N GLU A 5 20.48 6.75 8.78
CA GLU A 5 19.90 5.42 8.65
C GLU A 5 20.93 4.47 8.03
N GLN A 6 21.35 3.48 8.81
CA GLN A 6 22.35 2.51 8.39
C GLN A 6 21.66 1.19 8.09
N SER A 7 21.89 0.64 6.90
CA SER A 7 21.35 -0.68 6.59
C SER A 7 22.14 -1.74 7.34
N ILE A 8 21.44 -2.62 8.06
CA ILE A 8 22.07 -3.74 8.76
C ILE A 8 21.83 -5.08 8.08
N CYS A 9 20.98 -5.13 7.07
CA CYS A 9 20.88 -6.32 6.22
C CYS A 9 20.13 -5.97 4.95
N GLN A 10 20.33 -6.82 3.94
CA GLN A 10 19.57 -6.82 2.71
C GLN A 10 19.19 -8.25 2.39
N ALA A 11 17.90 -8.48 2.10
CA ALA A 11 17.40 -9.80 1.77
C ALA A 11 16.36 -9.72 0.66
N ARG A 12 16.36 -10.73 -0.19
CA ARG A 12 15.44 -10.80 -1.31
C ARG A 12 14.14 -11.47 -0.85
N ALA A 13 13.01 -10.80 -1.04
CA ALA A 13 11.74 -11.40 -0.64
C ALA A 13 10.60 -10.78 -1.42
N ALA A 14 9.55 -11.57 -1.61
CA ALA A 14 8.27 -11.02 -2.03
C ALA A 14 7.53 -10.61 -0.76
N VAL A 15 7.25 -9.32 -0.66
CA VAL A 15 6.62 -8.74 0.52
C VAL A 15 5.10 -8.83 0.36
N MET A 16 4.45 -9.44 1.34
N MET A 16 4.44 -9.39 1.37
CA MET A 16 3.02 -9.71 1.31
CA MET A 16 3.02 -9.61 1.31
C MET A 16 2.36 -9.09 2.54
C MET A 16 2.36 -9.02 2.55
N VAL A 17 1.07 -8.76 2.42
CA VAL A 17 0.23 -8.42 3.57
C VAL A 17 -1.01 -9.29 3.56
N TYR A 18 -1.55 -9.58 4.75
CA TYR A 18 -2.68 -10.49 4.83
C TYR A 18 -3.98 -9.71 4.71
N ASP A 19 -4.85 -10.14 3.81
CA ASP A 19 -6.18 -9.55 3.69
C ASP A 19 -7.11 -10.26 4.65
N ASP A 20 -7.37 -9.65 5.83
CA ASP A 20 -8.13 -10.32 6.89
C ASP A 20 -9.55 -10.66 6.43
N ALA A 21 -10.13 -9.81 5.59
CA ALA A 21 -11.53 -10.01 5.22
C ALA A 21 -11.68 -11.12 4.19
N ASN A 22 -10.76 -11.20 3.23
CA ASN A 22 -10.81 -12.16 2.14
C ASN A 22 -9.91 -13.37 2.37
N LYS A 23 -9.22 -13.43 3.50
CA LYS A 23 -8.46 -14.60 3.96
C LYS A 23 -7.40 -15.03 2.94
N LYS A 24 -6.58 -14.08 2.52
CA LYS A 24 -5.60 -14.37 1.49
C LYS A 24 -4.44 -13.41 1.64
N TRP A 25 -3.25 -13.84 1.21
CA TRP A 25 -2.10 -12.95 1.13
C TRP A 25 -2.17 -12.15 -0.16
N VAL A 26 -1.84 -10.88 -0.07
CA VAL A 26 -1.83 -9.99 -1.23
C VAL A 26 -0.45 -9.34 -1.33
N PRO A 27 0.03 -9.05 -2.52
CA PRO A 27 1.34 -8.39 -2.63
C PRO A 27 1.29 -7.01 -1.99
N ALA A 28 2.31 -6.72 -1.18
CA ALA A 28 2.42 -5.38 -0.61
C ALA A 28 2.59 -4.36 -1.72
N GLY A 29 1.90 -3.23 -1.57
CA GLY A 29 1.96 -2.19 -2.57
C GLY A 29 1.22 -2.48 -3.85
N GLY A 30 0.55 -3.63 -3.95
CA GLY A 30 -0.34 -3.93 -5.04
C GLY A 30 0.27 -4.67 -6.21
N SER A 31 1.56 -4.96 -6.19
CA SER A 31 2.19 -5.55 -7.37
C SER A 31 3.09 -6.70 -6.99
N THR A 32 2.82 -7.85 -7.60
N THR A 32 2.78 -7.90 -7.49
CA THR A 32 3.56 -9.08 -7.33
CA THR A 32 3.59 -9.05 -7.15
C THR A 32 4.99 -8.97 -7.83
C THR A 32 4.98 -8.89 -7.74
N GLY A 33 5.93 -9.53 -7.07
CA GLY A 33 7.31 -9.52 -7.49
C GLY A 33 8.22 -9.37 -6.30
N PHE A 34 9.51 -9.56 -6.53
CA PHE A 34 10.50 -9.53 -5.46
C PHE A 34 11.01 -8.13 -5.19
N SER A 35 11.32 -7.90 -3.91
CA SER A 35 11.88 -6.67 -3.42
C SER A 35 13.22 -6.94 -2.74
N ARG A 36 14.00 -5.87 -2.62
CA ARG A 36 15.17 -5.86 -1.75
C ARG A 36 14.74 -5.27 -0.42
N VAL A 37 14.81 -6.07 0.63
CA VAL A 37 14.27 -5.72 1.93
C VAL A 37 15.42 -5.48 2.90
N HIS A 38 15.49 -4.28 3.43
CA HIS A 38 16.48 -3.89 4.42
C HIS A 38 15.83 -3.84 5.80
N ILE A 39 16.68 -3.98 6.83
CA ILE A 39 16.42 -3.38 8.15
C ILE A 39 17.37 -2.20 8.28
N TYR A 40 16.81 -1.02 8.54
CA TYR A 40 17.58 0.20 8.72
C TYR A 40 17.58 0.58 10.19
N HIS A 41 18.75 0.95 10.69
CA HIS A 41 18.98 1.38 12.06
C HIS A 41 19.17 2.89 12.09
N HIS A 42 18.35 3.56 12.90
CA HIS A 42 18.49 4.99 13.17
C HIS A 42 19.17 5.09 14.54
N THR A 43 20.44 5.49 14.55
CA THR A 43 21.20 5.39 15.78
C THR A 43 20.77 6.44 16.80
N GLY A 44 20.27 7.58 16.34
CA GLY A 44 19.91 8.66 17.26
C GLY A 44 18.99 8.24 18.37
N ASN A 45 17.98 7.41 18.05
CA ASN A 45 17.06 6.92 19.08
C ASN A 45 17.00 5.41 19.14
N ASN A 46 18.01 4.75 18.57
CA ASN A 46 18.09 3.30 18.51
C ASN A 46 16.76 2.69 18.05
N THR A 47 16.30 3.12 16.87
CA THR A 47 15.12 2.55 16.26
C THR A 47 15.50 1.77 15.00
N PHE A 48 14.63 0.83 14.63
CA PHE A 48 14.83 -0.04 13.48
C PHE A 48 13.55 -0.10 12.66
N ARG A 49 13.69 -0.15 11.34
CA ARG A 49 12.55 -0.25 10.45
C ARG A 49 12.84 -1.23 9.33
N VAL A 50 11.78 -1.92 8.89
CA VAL A 50 11.83 -2.78 7.70
C VAL A 50 11.41 -1.93 6.52
N VAL A 51 12.28 -1.85 5.50
CA VAL A 51 12.01 -1.04 4.33
C VAL A 51 12.35 -1.88 3.11
N GLY A 52 11.36 -2.10 2.24
CA GLY A 52 11.56 -2.93 1.06
C GLY A 52 11.15 -2.18 -0.19
N ARG A 53 11.95 -2.33 -1.24
CA ARG A 53 11.73 -1.67 -2.52
C ARG A 53 11.70 -2.70 -3.63
N LYS A 54 10.70 -2.61 -4.50
N LYS A 54 10.72 -2.60 -4.51
CA LYS A 54 10.62 -3.53 -5.63
CA LYS A 54 10.59 -3.55 -5.60
C LYS A 54 11.91 -3.45 -6.43
C LYS A 54 11.82 -3.45 -6.51
N ILE A 55 12.40 -4.61 -6.86
CA ILE A 55 13.60 -4.65 -7.68
C ILE A 55 13.35 -3.92 -9.00
N GLN A 56 12.18 -4.11 -9.61
CA GLN A 56 11.95 -3.57 -10.95
C GLN A 56 11.81 -2.04 -10.93
N ASP A 57 10.82 -1.52 -10.25
CA ASP A 57 10.46 -0.11 -10.37
C ASP A 57 10.75 0.72 -9.14
N HIS A 58 11.37 0.13 -8.11
CA HIS A 58 11.84 0.82 -6.92
C HIS A 58 10.74 1.26 -5.96
N GLN A 59 9.48 0.86 -6.19
N GLN A 59 9.49 0.85 -6.18
CA GLN A 59 8.40 1.24 -5.30
CA GLN A 59 8.40 1.27 -5.30
C GLN A 59 8.73 0.78 -3.89
C GLN A 59 8.66 0.76 -3.89
N VAL A 60 8.55 1.66 -2.91
CA VAL A 60 8.62 1.26 -1.50
C VAL A 60 7.32 0.53 -1.19
N VAL A 61 7.42 -0.77 -0.91
CA VAL A 61 6.24 -1.58 -0.66
C VAL A 61 6.04 -1.87 0.83
N ILE A 62 7.05 -1.66 1.65
CA ILE A 62 6.93 -1.80 3.10
C ILE A 62 7.88 -0.80 3.73
N ASN A 63 7.41 -0.16 4.79
CA ASN A 63 8.20 0.77 5.59
C ASN A 63 7.53 0.73 6.96
N CYS A 64 7.93 -0.20 7.80
N CYS A 64 7.98 -0.17 7.81
N CYS A 64 8.02 -0.14 7.84
CA CYS A 64 7.27 -0.36 9.08
CA CYS A 64 7.31 -0.40 9.09
CA CYS A 64 7.33 -0.58 9.06
C CYS A 64 8.26 -0.41 10.23
C CYS A 64 8.31 -0.34 10.23
C CYS A 64 8.27 -0.51 10.26
N ALA A 65 7.79 0.04 11.38
CA ALA A 65 8.57 0.02 12.61
C ALA A 65 8.82 -1.41 13.07
N ILE A 66 9.91 -1.59 13.82
CA ILE A 66 10.15 -2.81 14.56
C ILE A 66 10.08 -2.45 16.04
N PRO A 67 8.96 -2.67 16.71
CA PRO A 67 8.86 -2.27 18.12
C PRO A 67 9.52 -3.27 19.04
N LYS A 68 10.01 -2.77 20.17
CA LYS A 68 10.46 -3.64 21.24
C LYS A 68 9.35 -4.64 21.57
N GLY A 69 9.73 -5.91 21.73
CA GLY A 69 8.79 -6.94 22.12
C GLY A 69 8.09 -7.65 20.97
N LEU A 70 8.34 -7.25 19.74
N LEU A 70 8.33 -7.24 19.74
CA LEU A 70 7.67 -7.87 18.61
CA LEU A 70 7.71 -7.88 18.59
C LEU A 70 7.91 -9.38 18.57
C LEU A 70 7.91 -9.39 18.64
N LYS A 71 6.85 -10.12 18.29
CA LYS A 71 6.93 -11.57 18.10
C LYS A 71 7.11 -11.86 16.61
N TYR A 72 8.30 -12.30 16.24
CA TYR A 72 8.64 -12.56 14.84
C TYR A 72 8.52 -14.06 14.60
N ASN A 73 7.58 -14.45 13.74
CA ASN A 73 7.23 -15.86 13.57
C ASN A 73 7.89 -16.40 12.32
N GLN A 74 8.78 -17.38 12.51
CA GLN A 74 9.44 -18.05 11.39
C GLN A 74 8.58 -19.25 11.02
N ALA A 75 7.52 -18.97 10.26
CA ALA A 75 6.49 -19.98 9.98
C ALA A 75 7.09 -21.17 9.25
N THR A 76 7.90 -20.90 8.23
CA THR A 76 8.68 -21.91 7.52
C THR A 76 10.08 -21.37 7.35
N GLN A 77 10.96 -22.20 6.77
CA GLN A 77 12.34 -21.74 6.57
C GLN A 77 12.45 -20.61 5.56
N THR A 78 11.41 -20.36 4.75
CA THR A 78 11.45 -19.28 3.78
C THR A 78 10.25 -18.32 3.84
N PHE A 79 9.35 -18.45 4.83
CA PHE A 79 8.25 -17.51 5.00
C PHE A 79 8.19 -17.10 6.47
N HIS A 80 8.48 -15.82 6.74
CA HIS A 80 8.42 -15.27 8.07
C HIS A 80 7.38 -14.16 8.10
N GLN A 81 6.85 -13.88 9.29
CA GLN A 81 5.73 -12.95 9.38
C GLN A 81 5.72 -12.29 10.74
N TRP A 82 5.06 -11.14 10.81
CA TRP A 82 4.84 -10.42 12.07
C TRP A 82 3.65 -9.50 11.88
N ARG A 83 3.24 -8.82 12.92
CA ARG A 83 2.09 -7.97 12.76
C ARG A 83 2.24 -6.71 13.59
N ASP A 84 1.41 -5.74 13.24
CA ASP A 84 1.15 -4.57 14.09
C ASP A 84 -0.35 -4.54 14.41
N ALA A 85 -0.80 -3.42 14.96
CA ALA A 85 -2.20 -3.32 15.37
C ALA A 85 -3.16 -3.26 14.20
N ARG A 86 -2.66 -3.12 12.98
CA ARG A 86 -3.50 -2.91 11.82
C ARG A 86 -3.32 -3.96 10.73
N GLN A 87 -2.10 -4.49 10.56
CA GLN A 87 -1.78 -5.36 9.44
C GLN A 87 -0.90 -6.52 9.88
N VAL A 88 -0.93 -7.59 9.09
CA VAL A 88 0.01 -8.69 9.19
C VAL A 88 0.90 -8.67 7.95
N TYR A 89 2.21 -8.72 8.16
CA TYR A 89 3.22 -8.67 7.11
C TYR A 89 3.83 -10.05 6.95
N GLY A 90 4.15 -10.40 5.72
CA GLY A 90 4.83 -11.65 5.43
C GLY A 90 5.96 -11.44 4.43
N LEU A 91 7.07 -12.14 4.61
CA LEU A 91 8.19 -12.09 3.68
C LEU A 91 8.37 -13.50 3.14
N ASN A 92 8.16 -13.65 1.83
CA ASN A 92 8.36 -14.92 1.12
C ASN A 92 9.74 -14.81 0.49
N PHE A 93 10.74 -15.34 1.20
CA PHE A 93 12.12 -15.09 0.83
C PHE A 93 12.51 -15.87 -0.42
N GLY A 94 13.45 -15.30 -1.18
CA GLY A 94 13.94 -15.95 -2.38
C GLY A 94 14.79 -17.17 -2.12
N SER A 95 15.32 -17.32 -0.91
CA SER A 95 16.13 -18.47 -0.55
C SER A 95 16.19 -18.59 0.97
N LYS A 96 16.60 -19.77 1.44
CA LYS A 96 16.85 -19.96 2.86
C LYS A 96 17.95 -19.03 3.36
N GLU A 97 18.97 -18.79 2.54
CA GLU A 97 20.05 -17.90 2.97
C GLU A 97 19.51 -16.50 3.23
N ASP A 98 18.64 -16.01 2.35
CA ASP A 98 18.01 -14.71 2.54
C ASP A 98 17.18 -14.66 3.81
N ALA A 99 16.41 -15.72 4.07
CA ALA A 99 15.62 -15.79 5.29
C ALA A 99 16.52 -15.73 6.52
N ASN A 100 17.65 -16.46 6.48
CA ASN A 100 18.57 -16.49 7.63
C ASN A 100 19.19 -15.13 7.87
N VAL A 101 19.63 -14.46 6.80
CA VAL A 101 20.22 -13.15 6.96
C VAL A 101 19.23 -12.21 7.61
N PHE A 102 17.99 -12.16 7.09
CA PHE A 102 17.00 -11.23 7.59
C PHE A 102 16.61 -11.56 9.01
N ALA A 103 16.35 -12.85 9.28
CA ALA A 103 15.96 -13.24 10.63
C ALA A 103 17.06 -12.93 11.64
N SER A 104 18.32 -13.09 11.26
N SER A 104 18.33 -13.12 11.26
CA SER A 104 19.39 -12.81 12.21
CA SER A 104 19.43 -12.80 12.16
C SER A 104 19.46 -11.31 12.55
C SER A 104 19.41 -11.32 12.54
N ALA A 105 19.27 -10.45 11.55
CA ALA A 105 19.26 -9.01 11.82
C ALA A 105 18.04 -8.61 12.62
N MET A 106 16.87 -9.16 12.29
CA MET A 106 15.66 -8.88 13.07
C MET A 106 15.84 -9.29 14.52
N MET A 107 16.38 -10.49 14.74
CA MET A 107 16.57 -10.94 16.11
C MET A 107 17.59 -10.08 16.84
N HIS A 108 18.61 -9.59 16.14
CA HIS A 108 19.55 -8.66 16.74
C HIS A 108 18.83 -7.39 17.19
N ALA A 109 18.07 -6.77 16.28
CA ALA A 109 17.32 -5.57 16.64
C ALA A 109 16.48 -5.82 17.88
N LEU A 110 15.78 -6.94 17.92
CA LEU A 110 14.88 -7.20 19.02
C LEU A 110 15.62 -7.44 20.33
N GLU A 111 16.90 -7.79 20.27
N GLU A 111 16.90 -7.80 20.27
CA GLU A 111 17.70 -8.01 21.46
CA GLU A 111 17.71 -8.01 21.45
C GLU A 111 18.33 -6.73 22.00
C GLU A 111 18.23 -6.69 22.02
N VAL A 112 18.48 -5.69 21.17
CA VAL A 112 19.10 -4.44 21.60
C VAL A 112 18.08 -3.32 21.80
N LEU A 113 16.82 -3.54 21.45
CA LEU A 113 15.80 -2.54 21.73
C LEU A 113 15.50 -2.48 23.22
N GLU B 5 -6.41 22.04 2.84
CA GLU B 5 -7.00 20.99 2.03
C GLU B 5 -8.52 20.94 2.24
N GLN B 6 -9.27 21.23 1.18
CA GLN B 6 -10.73 21.25 1.23
C GLN B 6 -11.27 20.02 0.52
N SER B 7 -12.14 19.27 1.18
CA SER B 7 -12.79 18.16 0.52
C SER B 7 -13.84 18.70 -0.44
N ILE B 8 -13.81 18.25 -1.70
CA ILE B 8 -14.82 18.63 -2.67
C ILE B 8 -15.79 17.52 -3.01
N CYS B 9 -15.54 16.28 -2.54
CA CYS B 9 -16.54 15.22 -2.61
C CYS B 9 -16.16 14.12 -1.63
N GLN B 10 -17.17 13.31 -1.28
CA GLN B 10 -17.02 12.05 -0.56
C GLN B 10 -17.85 10.99 -1.26
N ALA B 11 -17.24 9.84 -1.52
CA ALA B 11 -17.93 8.74 -2.18
C ALA B 11 -17.49 7.41 -1.57
N ARG B 12 -18.45 6.49 -1.49
CA ARG B 12 -18.22 5.16 -0.95
C ARG B 12 -17.72 4.25 -2.07
N ALA B 13 -16.56 3.63 -1.87
CA ALA B 13 -16.03 2.73 -2.88
C ALA B 13 -15.04 1.76 -2.28
N ALA B 14 -14.95 0.59 -2.89
CA ALA B 14 -13.84 -0.31 -2.65
C ALA B 14 -12.72 0.12 -3.58
N VAL B 15 -11.60 0.50 -3.00
CA VAL B 15 -10.44 1.00 -3.73
C VAL B 15 -9.55 -0.18 -4.13
N MET B 16 -9.28 -0.29 -5.42
N MET B 16 -9.28 -0.33 -5.41
CA MET B 16 -8.53 -1.41 -5.99
CA MET B 16 -8.52 -1.46 -5.92
C MET B 16 -7.32 -0.89 -6.75
C MET B 16 -7.28 -0.97 -6.66
N VAL B 17 -6.27 -1.70 -6.77
N VAL B 17 -6.32 -1.89 -6.83
CA VAL B 17 -5.16 -1.48 -7.69
CA VAL B 17 -5.09 -1.64 -7.55
C VAL B 17 -4.99 -2.76 -8.51
C VAL B 17 -4.86 -2.84 -8.46
N TYR B 18 -4.41 -2.60 -9.70
CA TYR B 18 -4.27 -3.70 -10.63
C TYR B 18 -2.90 -4.34 -10.44
N ASP B 19 -2.90 -5.64 -10.23
CA ASP B 19 -1.68 -6.46 -10.16
C ASP B 19 -1.44 -6.95 -11.58
N ASP B 20 -0.63 -6.23 -12.36
CA ASP B 20 -0.53 -6.57 -13.78
C ASP B 20 0.06 -7.96 -13.98
N ALA B 21 0.96 -8.39 -13.08
CA ALA B 21 1.60 -9.70 -13.22
C ALA B 21 0.56 -10.82 -13.24
N ASN B 22 -0.43 -10.74 -12.37
CA ASN B 22 -1.50 -11.73 -12.27
C ASN B 22 -2.79 -11.29 -12.94
N LYS B 23 -2.80 -10.14 -13.59
CA LYS B 23 -3.95 -9.70 -14.38
C LYS B 23 -5.23 -9.73 -13.53
N LYS B 24 -5.17 -9.10 -12.36
CA LYS B 24 -6.34 -9.08 -11.48
C LYS B 24 -6.28 -7.90 -10.54
N TRP B 25 -7.45 -7.46 -10.12
CA TRP B 25 -7.55 -6.37 -9.17
C TRP B 25 -7.33 -6.91 -7.76
N VAL B 26 -6.60 -6.14 -6.95
CA VAL B 26 -6.39 -6.47 -5.54
C VAL B 26 -6.75 -5.25 -4.69
N PRO B 27 -7.18 -5.47 -3.44
CA PRO B 27 -7.55 -4.35 -2.60
C PRO B 27 -6.38 -3.42 -2.31
N ALA B 28 -6.62 -2.11 -2.49
CA ALA B 28 -5.63 -1.12 -2.13
C ALA B 28 -5.35 -1.19 -0.63
N GLY B 29 -4.07 -1.09 -0.26
CA GLY B 29 -3.66 -1.15 1.12
C GLY B 29 -3.71 -2.52 1.73
N GLY B 30 -4.13 -3.53 0.98
CA GLY B 30 -4.03 -4.92 1.38
C GLY B 30 -5.25 -5.53 2.03
N SER B 31 -6.33 -4.79 2.25
CA SER B 31 -7.49 -5.37 2.93
C SER B 31 -8.80 -4.98 2.26
N THR B 32 -9.61 -6.00 2.02
CA THR B 32 -10.87 -5.86 1.32
C THR B 32 -11.88 -5.13 2.17
N GLY B 33 -12.61 -4.22 1.54
CA GLY B 33 -13.65 -3.48 2.23
C GLY B 33 -13.83 -2.11 1.63
N PHE B 34 -14.88 -1.43 2.08
CA PHE B 34 -15.22 -0.13 1.53
C PHE B 34 -14.50 0.97 2.27
N SER B 35 -14.20 2.03 1.50
CA SER B 35 -13.56 3.22 1.99
C SER B 35 -14.44 4.42 1.70
N ARG B 36 -14.20 5.50 2.44
CA ARG B 36 -14.72 6.83 2.10
C ARG B 36 -13.64 7.54 1.30
N VAL B 37 -13.96 7.87 0.06
CA VAL B 37 -12.99 8.40 -0.88
C VAL B 37 -13.32 9.86 -1.16
N HIS B 38 -12.36 10.73 -0.85
CA HIS B 38 -12.46 12.16 -1.10
C HIS B 38 -11.63 12.54 -2.32
N ILE B 39 -12.01 13.66 -2.93
CA ILE B 39 -11.08 14.49 -3.66
C ILE B 39 -10.81 15.72 -2.80
N TYR B 40 -9.54 15.96 -2.50
CA TYR B 40 -9.12 17.12 -1.72
C TYR B 40 -8.47 18.16 -2.63
N HIS B 41 -8.87 19.42 -2.46
CA HIS B 41 -8.35 20.55 -3.21
C HIS B 41 -7.42 21.37 -2.33
N HIS B 42 -6.18 21.54 -2.79
CA HIS B 42 -5.21 22.42 -2.15
C HIS B 42 -5.22 23.72 -2.96
N THR B 43 -5.79 24.77 -2.38
CA THR B 43 -6.03 25.98 -3.16
C THR B 43 -4.74 26.75 -3.46
N GLY B 44 -3.73 26.65 -2.58
CA GLY B 44 -2.51 27.42 -2.76
C GLY B 44 -1.86 27.24 -4.13
N ASN B 45 -1.82 26.00 -4.62
CA ASN B 45 -1.26 25.73 -5.95
C ASN B 45 -2.27 25.05 -6.86
N ASN B 46 -3.55 25.12 -6.52
CA ASN B 46 -4.64 24.50 -7.28
C ASN B 46 -4.32 23.07 -7.68
N THR B 47 -4.03 22.25 -6.67
CA THR B 47 -3.81 20.82 -6.88
C THR B 47 -4.93 20.04 -6.22
N PHE B 48 -5.13 18.81 -6.72
CA PHE B 48 -6.18 17.91 -6.28
C PHE B 48 -5.59 16.52 -6.07
N ARG B 49 -6.09 15.82 -5.04
CA ARG B 49 -5.65 14.46 -4.77
C ARG B 49 -6.85 13.59 -4.39
N VAL B 50 -6.76 12.31 -4.75
CA VAL B 50 -7.73 11.30 -4.32
C VAL B 50 -7.19 10.68 -3.04
N VAL B 51 -7.96 10.76 -1.96
CA VAL B 51 -7.54 10.22 -0.67
C VAL B 51 -8.70 9.40 -0.13
N GLY B 52 -8.45 8.12 0.13
CA GLY B 52 -9.48 7.21 0.61
C GLY B 52 -9.02 6.53 1.87
N ARG B 53 -9.96 6.40 2.82
CA ARG B 53 -9.70 5.79 4.11
C ARG B 53 -10.71 4.68 4.38
N LYS B 54 -10.21 3.53 4.84
N LYS B 54 -10.22 3.56 4.87
CA LYS B 54 -11.11 2.42 5.15
CA LYS B 54 -11.08 2.42 5.13
C LYS B 54 -12.13 2.87 6.19
C LYS B 54 -12.10 2.80 6.21
N ILE B 55 -13.38 2.47 5.97
CA ILE B 55 -14.43 2.81 6.94
C ILE B 55 -14.12 2.21 8.30
N GLN B 56 -13.63 0.95 8.35
CA GLN B 56 -13.47 0.27 9.63
C GLN B 56 -12.33 0.86 10.45
N ASP B 57 -11.11 0.85 9.92
CA ASP B 57 -9.94 1.17 10.74
C ASP B 57 -9.25 2.47 10.35
N HIS B 58 -9.79 3.20 9.38
CA HIS B 58 -9.31 4.52 8.98
C HIS B 58 -8.00 4.49 8.22
N GLN B 59 -7.51 3.32 7.82
CA GLN B 59 -6.26 3.22 7.07
C GLN B 59 -6.41 3.99 5.76
N VAL B 60 -5.43 4.84 5.47
CA VAL B 60 -5.36 5.49 4.17
C VAL B 60 -4.93 4.42 3.16
N VAL B 61 -5.79 4.13 2.19
CA VAL B 61 -5.52 3.10 1.19
C VAL B 61 -5.17 3.69 -0.16
N ILE B 62 -5.46 4.96 -0.40
CA ILE B 62 -5.09 5.65 -1.63
C ILE B 62 -4.81 7.11 -1.27
N ASN B 63 -3.74 7.64 -1.87
CA ASN B 63 -3.42 9.06 -1.73
C ASN B 63 -2.63 9.40 -2.99
N CYS B 64 -3.35 9.74 -4.05
N CYS B 64 -3.35 9.84 -4.02
CA CYS B 64 -2.67 9.95 -5.32
CA CYS B 64 -2.88 9.89 -5.39
C CYS B 64 -3.05 11.28 -5.95
C CYS B 64 -3.10 11.27 -6.00
N ALA B 65 -2.10 11.81 -6.70
CA ALA B 65 -2.27 13.07 -7.37
C ALA B 65 -3.26 12.92 -8.51
N ILE B 66 -3.92 14.03 -8.87
CA ILE B 66 -4.72 14.10 -10.08
C ILE B 66 -4.02 15.07 -11.01
N PRO B 67 -3.26 14.59 -11.99
CA PRO B 67 -2.53 15.50 -12.86
C PRO B 67 -3.41 16.06 -13.96
N LYS B 68 -3.07 17.27 -14.40
CA LYS B 68 -3.72 17.82 -15.58
C LYS B 68 -3.60 16.83 -16.74
N GLY B 69 -4.70 16.64 -17.47
CA GLY B 69 -4.72 15.80 -18.65
C GLY B 69 -5.03 14.35 -18.37
N LEU B 70 -5.22 13.98 -17.11
N LEU B 70 -5.22 13.98 -17.11
CA LEU B 70 -5.55 12.60 -16.76
CA LEU B 70 -5.50 12.58 -16.80
C LEU B 70 -6.72 12.11 -17.60
C LEU B 70 -6.72 12.09 -17.55
N LYS B 71 -6.63 10.87 -18.05
CA LYS B 71 -7.72 10.18 -18.72
C LYS B 71 -8.48 9.34 -17.69
N TYR B 72 -9.67 9.78 -17.33
CA TYR B 72 -10.51 9.11 -16.32
C TYR B 72 -11.53 8.25 -17.05
N ASN B 73 -11.46 6.95 -16.84
CA ASN B 73 -12.23 6.00 -17.64
C ASN B 73 -13.41 5.50 -16.81
N GLN B 74 -14.61 5.80 -17.28
CA GLN B 74 -15.84 5.33 -16.63
C GLN B 74 -16.24 4.02 -17.30
N ALA B 75 -15.56 2.95 -16.87
CA ALA B 75 -15.72 1.66 -17.53
C ALA B 75 -17.16 1.19 -17.43
N THR B 76 -17.74 1.28 -16.24
CA THR B 76 -19.15 1.00 -16.02
C THR B 76 -19.73 2.11 -15.18
N GLN B 77 -21.05 2.05 -14.94
CA GLN B 77 -21.67 3.07 -14.11
C GLN B 77 -21.22 3.00 -12.66
N THR B 78 -20.58 1.90 -12.24
CA THR B 78 -20.11 1.78 -10.86
C THR B 78 -18.64 1.39 -10.72
N PHE B 79 -17.88 1.31 -11.81
CA PHE B 79 -16.44 1.04 -11.72
C PHE B 79 -15.71 2.03 -12.64
N HIS B 80 -14.92 2.92 -12.03
CA HIS B 80 -14.12 3.88 -12.78
C HIS B 80 -12.65 3.63 -12.45
N GLN B 81 -11.78 4.04 -13.35
CA GLN B 81 -10.36 3.71 -13.22
C GLN B 81 -9.52 4.79 -13.89
N TRP B 82 -8.26 4.83 -13.48
CA TRP B 82 -7.27 5.71 -14.09
C TRP B 82 -5.90 5.15 -13.77
N ARG B 83 -4.87 5.74 -14.35
CA ARG B 83 -3.54 5.21 -14.09
C ARG B 83 -2.52 6.32 -13.96
N ASP B 84 -1.39 5.98 -13.37
CA ASP B 84 -0.20 6.81 -13.40
C ASP B 84 0.95 5.99 -13.99
N ALA B 85 2.15 6.54 -13.89
CA ALA B 85 3.31 5.88 -14.46
C ALA B 85 3.67 4.58 -13.73
N ARG B 86 3.09 4.35 -12.57
CA ARG B 86 3.48 3.20 -11.78
C ARG B 86 2.33 2.25 -11.43
N GLN B 87 1.09 2.75 -11.31
CA GLN B 87 -0.03 1.93 -10.89
C GLN B 87 -1.29 2.27 -11.68
N VAL B 88 -2.23 1.33 -11.67
CA VAL B 88 -3.59 1.51 -12.17
C VAL B 88 -4.54 1.39 -11.00
N TYR B 89 -5.41 2.40 -10.84
CA TYR B 89 -6.34 2.48 -9.72
C TYR B 89 -7.76 2.24 -10.22
N GLY B 90 -8.55 1.56 -9.40
CA GLY B 90 -9.95 1.36 -9.71
C GLY B 90 -10.83 1.61 -8.49
N LEU B 91 -12.00 2.22 -8.71
CA LEU B 91 -12.97 2.48 -7.65
C LEU B 91 -14.23 1.69 -7.98
N ASN B 92 -14.56 0.73 -7.13
CA ASN B 92 -15.77 -0.06 -7.25
C ASN B 92 -16.77 0.60 -6.31
N PHE B 93 -17.58 1.49 -6.87
CA PHE B 93 -18.45 2.34 -6.06
C PHE B 93 -19.60 1.55 -5.44
N GLY B 94 -20.04 2.01 -4.27
CA GLY B 94 -21.14 1.38 -3.58
C GLY B 94 -22.49 1.62 -4.22
N SER B 95 -22.60 2.64 -5.06
CA SER B 95 -23.85 2.95 -5.75
C SER B 95 -23.54 3.83 -6.96
N LYS B 96 -24.50 3.90 -7.88
CA LYS B 96 -24.38 4.82 -9.01
C LYS B 96 -24.31 6.26 -8.54
N GLU B 97 -25.06 6.61 -7.50
N GLU B 97 -25.07 6.62 -7.50
CA GLU B 97 -25.02 7.97 -6.98
CA GLU B 97 -25.01 7.97 -6.99
C GLU B 97 -23.61 8.32 -6.52
C GLU B 97 -23.60 8.32 -6.53
N ASP B 98 -22.95 7.39 -5.83
CA ASP B 98 -21.55 7.61 -5.40
C ASP B 98 -20.63 7.79 -6.60
N ALA B 99 -20.79 6.97 -7.63
CA ALA B 99 -19.98 7.11 -8.84
C ALA B 99 -20.19 8.48 -9.50
N ASN B 100 -21.44 8.94 -9.57
CA ASN B 100 -21.72 10.22 -10.19
C ASN B 100 -21.12 11.36 -9.40
N VAL B 101 -21.24 11.31 -8.07
CA VAL B 101 -20.66 12.37 -7.25
C VAL B 101 -19.15 12.43 -7.49
N PHE B 102 -18.49 11.28 -7.43
CA PHE B 102 -17.05 11.27 -7.57
C PHE B 102 -16.63 11.71 -8.97
N ALA B 103 -17.29 11.17 -10.00
CA ALA B 103 -16.95 11.56 -11.37
C ALA B 103 -17.14 13.05 -11.61
N SER B 104 -18.18 13.65 -11.03
N SER B 104 -18.22 13.64 -11.06
CA SER B 104 -18.39 15.07 -11.28
CA SER B 104 -18.45 15.08 -11.18
C SER B 104 -17.32 15.93 -10.61
C SER B 104 -17.27 15.87 -10.64
N ALA B 105 -16.84 15.52 -9.44
CA ALA B 105 -15.75 16.26 -8.81
C ALA B 105 -14.46 16.04 -9.58
N MET B 106 -14.22 14.80 -10.02
CA MET B 106 -13.03 14.50 -10.82
C MET B 106 -13.04 15.29 -12.11
N MET B 107 -14.16 15.28 -12.82
CA MET B 107 -14.22 16.00 -14.09
C MET B 107 -14.09 17.51 -13.88
N HIS B 108 -14.62 18.03 -12.77
CA HIS B 108 -14.41 19.43 -12.42
C HIS B 108 -12.93 19.73 -12.23
N ALA B 109 -12.23 18.95 -11.39
CA ALA B 109 -10.80 19.14 -11.17
C ALA B 109 -10.08 19.19 -12.51
N LEU B 110 -10.40 18.26 -13.40
CA LEU B 110 -9.69 18.17 -14.66
C LEU B 110 -9.99 19.34 -15.58
N GLU B 111 -11.12 20.01 -15.38
CA GLU B 111 -11.50 21.19 -16.14
C GLU B 111 -10.77 22.44 -15.65
N VAL B 112 -10.45 22.54 -14.36
CA VAL B 112 -9.86 23.75 -13.80
C VAL B 112 -8.35 23.65 -13.61
N LEU B 113 -7.76 22.47 -13.82
CA LEU B 113 -6.30 22.35 -13.78
C LEU B 113 -5.65 22.98 -15.00
#